data_9NEV
#
_entry.id   9NEV
#
_cell.length_a   109.610
_cell.length_b   109.610
_cell.length_c   84.954
_cell.angle_alpha   90.000
_cell.angle_beta   90.000
_cell.angle_gamma   90.000
#
_symmetry.space_group_name_H-M   'P 43 21 2'
#
loop_
_entity.id
_entity.type
_entity.pdbx_description
1 polymer 'Procollagen lysyl hydroxylase and glycosyltransferase'
2 water water
#
_entity_poly.entity_id   1
_entity_poly.type   'polypeptide(L)'
_entity_poly.pdbx_seq_one_letter_code
;MGSSHHHHHHASGLVPRGSVPTEVTLYDLPTRKEEWEKKYLHPEFLSHLQNFKDFDYTEICNDVYSFPLFTPAFCKEVIE
VMDKANLWSKGGDSYFDPRIGGVESYPTQDTQLYEVGLDKQWHYVVFNYVAPFVRHLYNNYKTKDINLAFVVKYDMERQS
ELAPAHDSSTYTLNIALNEYGKEYTAGGCEFIRHKFIWQGQKVGYATIHAGKLLAYHRALPITSGKRYILVSFVN
;
_entity_poly.pdbx_strand_id   A,B
#
# COMPACT_ATOMS: atom_id res chain seq x y z
N THR A 22 23.82 36.56 -8.51
CA THR A 22 22.48 36.28 -9.07
C THR A 22 21.66 35.43 -8.09
N GLU A 23 20.35 35.70 -8.08
CA GLU A 23 19.38 35.03 -7.22
C GLU A 23 19.26 33.56 -7.62
N VAL A 24 19.08 32.70 -6.60
CA VAL A 24 18.95 31.26 -6.77
C VAL A 24 17.72 30.96 -7.63
N THR A 25 17.81 29.87 -8.40
CA THR A 25 16.71 29.39 -9.23
C THR A 25 16.32 27.98 -8.77
N LEU A 26 15.21 27.49 -9.33
CA LEU A 26 14.68 26.15 -9.11
C LEU A 26 15.78 25.09 -9.31
N TYR A 27 16.68 25.35 -10.27
CA TYR A 27 17.65 24.38 -10.74
C TYR A 27 18.80 24.19 -9.76
N ASP A 28 18.94 25.10 -8.80
CA ASP A 28 20.18 25.18 -8.04
C ASP A 28 20.13 24.32 -6.77
N LEU A 29 19.51 23.16 -6.86
CA LEU A 29 19.53 22.21 -5.76
C LEU A 29 20.27 20.97 -6.24
N PRO A 30 21.26 20.41 -5.51
CA PRO A 30 21.65 20.90 -4.18
C PRO A 30 22.83 21.85 -4.06
N THR A 31 23.30 22.40 -5.20
CA THR A 31 24.48 23.25 -5.22
C THR A 31 24.33 24.40 -4.22
N ARG A 32 23.18 25.09 -4.26
CA ARG A 32 22.95 26.25 -3.40
C ARG A 32 21.85 25.93 -2.38
N LYS A 33 22.06 24.80 -1.68
CA LYS A 33 21.06 24.17 -0.83
C LYS A 33 20.40 25.19 0.10
N GLU A 34 21.22 25.92 0.87
CA GLU A 34 20.74 26.80 1.91
C GLU A 34 19.81 27.87 1.32
N GLU A 35 20.23 28.48 0.21
CA GLU A 35 19.45 29.54 -0.40
C GLU A 35 18.18 28.97 -1.03
N TRP A 36 18.32 27.78 -1.63
CA TRP A 36 17.19 27.09 -2.26
C TRP A 36 16.09 26.88 -1.22
N GLU A 37 16.47 26.30 -0.07
CA GLU A 37 15.58 25.99 1.03
C GLU A 37 14.82 27.24 1.50
N LYS A 38 15.55 28.36 1.69
CA LYS A 38 14.94 29.56 2.20
C LYS A 38 13.92 30.09 1.19
N LYS A 39 14.24 29.94 -0.10
CA LYS A 39 13.40 30.53 -1.14
C LYS A 39 12.20 29.61 -1.44
N TYR A 40 12.38 28.29 -1.36
CA TYR A 40 11.43 27.38 -2.02
C TYR A 40 10.63 26.51 -1.05
N LEU A 41 11.18 26.19 0.13
CA LEU A 41 10.48 25.37 1.11
C LEU A 41 9.69 26.26 2.05
N HIS A 42 8.44 25.84 2.32
CA HIS A 42 7.56 26.56 3.24
C HIS A 42 8.26 26.69 4.58
N PRO A 43 8.31 27.91 5.17
CA PRO A 43 9.02 28.13 6.44
C PRO A 43 8.57 27.24 7.59
N GLU A 44 7.31 26.82 7.57
CA GLU A 44 6.81 25.96 8.63
C GLU A 44 7.35 24.54 8.49
N PHE A 45 7.43 24.06 7.24
CA PHE A 45 8.01 22.74 7.01
C PHE A 45 9.49 22.78 7.36
N LEU A 46 10.17 23.81 6.84
CA LEU A 46 11.61 23.99 7.02
C LEU A 46 11.97 24.02 8.50
N SER A 47 11.15 24.70 9.31
CA SER A 47 11.49 24.86 10.71
C SER A 47 11.18 23.61 11.54
N HIS A 48 10.68 22.54 10.92
CA HIS A 48 10.33 21.35 11.66
C HIS A 48 11.05 20.11 11.11
N LEU A 49 12.02 20.32 10.20
CA LEU A 49 12.73 19.25 9.48
C LEU A 49 13.27 18.19 10.45
N GLN A 50 13.58 18.62 11.67
CA GLN A 50 14.29 17.81 12.65
C GLN A 50 13.35 17.37 13.75
N ASN A 51 12.11 17.87 13.74
CA ASN A 51 11.16 17.59 14.80
C ASN A 51 9.74 17.71 14.26
N PHE A 52 9.23 16.67 13.59
CA PHE A 52 7.90 16.71 13.00
C PHE A 52 6.78 16.57 14.03
N LYS A 53 7.16 16.28 15.28
CA LYS A 53 6.18 16.06 16.34
C LYS A 53 5.28 17.28 16.51
N ASP A 54 5.82 18.49 16.31
CA ASP A 54 5.06 19.72 16.56
C ASP A 54 4.61 20.38 15.25
N PHE A 55 4.90 19.75 14.10
CA PHE A 55 4.58 20.31 12.79
C PHE A 55 3.06 20.35 12.62
N ASP A 56 2.56 21.44 12.03
CA ASP A 56 1.12 21.61 11.88
C ASP A 56 0.62 20.97 10.58
N TYR A 57 0.46 19.65 10.57
CA TYR A 57 -0.16 18.94 9.47
C TYR A 57 -1.53 18.44 9.95
N THR A 58 -2.43 18.15 9.01
CA THR A 58 -3.79 17.74 9.34
C THR A 58 -4.02 16.38 8.72
N GLU A 59 -4.60 15.45 9.51
CA GLU A 59 -5.12 14.22 8.98
C GLU A 59 -6.54 14.49 8.48
N ILE A 60 -6.68 14.59 7.15
CA ILE A 60 -7.94 15.10 6.59
C ILE A 60 -8.95 13.96 6.51
N CYS A 61 -8.43 12.73 6.31
CA CYS A 61 -9.17 11.50 6.48
C CYS A 61 -8.16 10.41 6.84
N ASN A 62 -8.63 9.23 7.25
CA ASN A 62 -7.76 8.17 7.74
C ASN A 62 -6.52 8.02 6.84
N ASP A 63 -5.36 8.42 7.38
CA ASP A 63 -4.07 8.08 6.79
C ASP A 63 -3.78 8.95 5.57
N VAL A 64 -4.49 10.08 5.47
CA VAL A 64 -4.29 11.06 4.42
C VAL A 64 -3.98 12.40 5.08
N TYR A 65 -2.82 12.98 4.75
CA TYR A 65 -2.37 14.17 5.46
C TYR A 65 -2.24 15.36 4.49
N SER A 66 -2.64 16.54 4.97
CA SER A 66 -2.41 17.82 4.29
C SER A 66 -1.42 18.65 5.10
N PHE A 67 -0.43 19.24 4.42
CA PHE A 67 0.65 19.92 5.13
C PHE A 67 1.35 20.93 4.21
N PRO A 68 1.85 22.07 4.77
CA PRO A 68 2.60 23.06 3.99
C PRO A 68 3.95 22.48 3.57
N LEU A 69 4.31 22.66 2.28
CA LEU A 69 5.57 22.10 1.82
C LEU A 69 6.43 23.14 1.09
N PHE A 70 5.82 23.89 0.17
CA PHE A 70 6.55 24.80 -0.70
C PHE A 70 6.01 26.22 -0.52
N THR A 71 6.81 27.21 -0.94
CA THR A 71 6.44 28.62 -0.88
C THR A 71 5.69 28.99 -2.15
N PRO A 72 4.99 30.16 -2.18
CA PRO A 72 4.35 30.64 -3.39
C PRO A 72 5.32 30.81 -4.55
N ALA A 73 6.58 31.17 -4.24
CA ALA A 73 7.58 31.42 -5.25
C ALA A 73 7.95 30.13 -6.01
N PHE A 74 8.07 29.00 -5.29
CA PHE A 74 8.28 27.70 -5.92
C PHE A 74 7.15 27.45 -6.92
N CYS A 75 5.90 27.58 -6.46
CA CYS A 75 4.74 27.22 -7.26
C CYS A 75 4.65 28.07 -8.53
N LYS A 76 4.88 29.39 -8.39
CA LYS A 76 4.80 30.33 -9.48
C LYS A 76 5.85 30.01 -10.55
N GLU A 77 7.07 29.68 -10.10
CA GLU A 77 8.20 29.47 -11.01
C GLU A 77 8.05 28.12 -11.73
N VAL A 78 7.53 27.11 -11.02
CA VAL A 78 7.27 25.82 -11.62
C VAL A 78 6.27 25.98 -12.76
N ILE A 79 5.18 26.73 -12.53
CA ILE A 79 4.16 26.96 -13.55
C ILE A 79 4.73 27.72 -14.74
N GLU A 80 5.60 28.72 -14.49
CA GLU A 80 6.25 29.49 -15.55
C GLU A 80 7.08 28.57 -16.46
N VAL A 81 7.90 27.71 -15.84
CA VAL A 81 8.75 26.77 -16.56
C VAL A 81 7.90 25.86 -17.46
N MET A 82 6.79 25.32 -16.92
CA MET A 82 5.93 24.42 -17.68
C MET A 82 5.17 25.17 -18.77
N ASP A 83 4.69 26.39 -18.45
CA ASP A 83 3.96 27.18 -19.42
C ASP A 83 4.87 27.51 -20.61
N LYS A 84 6.11 27.89 -20.31
CA LYS A 84 7.07 28.30 -21.32
C LYS A 84 7.52 27.11 -22.17
N ALA A 85 7.70 25.94 -21.55
CA ALA A 85 8.17 24.77 -22.30
C ALA A 85 7.09 24.30 -23.27
N ASN A 86 5.83 24.39 -22.84
CA ASN A 86 4.69 24.02 -23.67
C ASN A 86 4.93 22.62 -24.24
N LEU A 87 5.23 21.66 -23.37
CA LEU A 87 5.49 20.28 -23.77
C LEU A 87 4.35 19.37 -23.33
N TRP A 88 3.19 19.96 -22.98
CA TRP A 88 2.01 19.25 -22.49
C TRP A 88 1.64 18.08 -23.41
N SER A 89 1.39 16.90 -22.81
CA SER A 89 1.08 15.70 -23.58
C SER A 89 -0.21 15.87 -24.40
N PRO A 107 -5.08 9.43 -18.77
CA PRO A 107 -5.02 10.29 -19.95
C PRO A 107 -5.31 11.75 -19.58
N THR A 108 -4.23 12.50 -19.34
CA THR A 108 -4.32 13.82 -18.73
C THR A 108 -3.25 14.72 -19.34
N GLN A 109 -3.48 16.05 -19.30
CA GLN A 109 -2.57 17.03 -19.86
C GLN A 109 -1.46 17.39 -18.88
N ASP A 110 -0.25 16.83 -19.11
CA ASP A 110 0.84 16.94 -18.15
C ASP A 110 2.19 17.02 -18.86
N THR A 111 3.22 17.35 -18.07
CA THR A 111 4.60 17.37 -18.49
C THR A 111 5.42 16.73 -17.37
N GLN A 112 6.32 15.80 -17.73
CA GLN A 112 7.19 15.17 -16.75
C GLN A 112 8.29 16.16 -16.37
N LEU A 113 8.73 16.11 -15.10
CA LEU A 113 9.79 16.98 -14.61
C LEU A 113 11.08 16.79 -15.42
N TYR A 114 11.32 15.54 -15.88
CA TYR A 114 12.52 15.23 -16.66
C TYR A 114 12.53 15.97 -17.99
N GLU A 115 11.35 16.34 -18.50
CA GLU A 115 11.23 17.01 -19.79
C GLU A 115 11.68 18.47 -19.72
N VAL A 116 11.80 19.04 -18.51
CA VAL A 116 12.25 20.40 -18.32
C VAL A 116 13.48 20.42 -17.43
N GLY A 117 14.08 19.24 -17.20
CA GLY A 117 15.36 19.09 -16.52
C GLY A 117 15.29 19.31 -15.01
N LEU A 118 14.16 18.96 -14.37
CA LEU A 118 13.97 19.21 -12.96
C LEU A 118 13.90 17.92 -12.13
N ASP A 119 14.25 16.79 -12.75
CA ASP A 119 14.06 15.49 -12.13
C ASP A 119 15.10 15.25 -11.04
N LYS A 120 16.33 15.73 -11.23
CA LYS A 120 17.37 15.56 -10.24
C LYS A 120 17.06 16.43 -9.02
N GLN A 121 16.52 17.64 -9.25
CA GLN A 121 16.14 18.52 -8.16
C GLN A 121 15.05 17.83 -7.34
N TRP A 122 14.05 17.27 -8.04
CA TRP A 122 12.92 16.61 -7.38
C TRP A 122 13.38 15.42 -6.54
N HIS A 123 14.28 14.60 -7.11
CA HIS A 123 14.83 13.46 -6.41
C HIS A 123 15.43 13.94 -5.08
N TYR A 124 16.19 15.05 -5.12
CA TYR A 124 16.80 15.61 -3.92
C TYR A 124 15.72 16.00 -2.90
N VAL A 125 14.66 16.68 -3.36
CA VAL A 125 13.58 17.10 -2.47
C VAL A 125 12.99 15.89 -1.76
N VAL A 126 12.70 14.84 -2.54
CA VAL A 126 12.01 13.66 -2.03
C VAL A 126 12.86 12.95 -1.00
N PHE A 127 14.13 12.68 -1.32
CA PHE A 127 14.97 11.85 -0.47
C PHE A 127 15.44 12.61 0.77
N ASN A 128 15.59 13.94 0.64
CA ASN A 128 16.18 14.72 1.71
C ASN A 128 15.10 15.30 2.64
N TYR A 129 13.98 15.75 2.07
CA TYR A 129 12.98 16.46 2.87
C TYR A 129 11.73 15.60 3.10
N VAL A 130 11.21 14.95 2.06
CA VAL A 130 9.94 14.25 2.18
C VAL A 130 10.13 12.92 2.92
N ALA A 131 11.17 12.16 2.58
CA ALA A 131 11.37 10.81 3.11
C ALA A 131 11.39 10.78 4.65
N PRO A 132 12.06 11.72 5.35
CA PRO A 132 12.00 11.75 6.82
C PRO A 132 10.60 12.02 7.34
N PHE A 133 9.82 12.84 6.63
CA PHE A 133 8.44 13.12 7.02
C PHE A 133 7.58 11.85 6.86
N VAL A 134 7.82 11.08 5.80
CA VAL A 134 7.18 9.80 5.59
C VAL A 134 7.55 8.83 6.71
N ARG A 135 8.83 8.84 7.14
CA ARG A 135 9.23 7.99 8.25
C ARG A 135 8.39 8.30 9.49
N HIS A 136 8.16 9.59 9.72
CA HIS A 136 7.36 10.06 10.85
C HIS A 136 5.88 9.66 10.73
N LEU A 137 5.28 9.85 9.54
CA LEU A 137 3.84 9.65 9.35
C LEU A 137 3.50 8.15 9.33
N TYR A 138 4.40 7.32 8.77
CA TYR A 138 4.02 5.99 8.36
C TYR A 138 4.96 4.92 8.94
N ASN A 139 5.17 4.96 10.26
CA ASN A 139 5.79 3.86 10.99
C ASN A 139 7.13 3.50 10.37
N ASN A 140 7.93 4.52 10.06
CA ASN A 140 9.32 4.34 9.69
C ASN A 140 9.48 3.79 8.27
N TYR A 141 8.44 3.87 7.43
CA TYR A 141 8.53 3.39 6.05
C TYR A 141 9.69 4.06 5.32
N LYS A 142 10.53 3.27 4.65
CA LYS A 142 11.68 3.80 3.92
C LYS A 142 11.34 3.96 2.44
N THR A 143 11.58 5.17 1.92
CA THR A 143 11.36 5.52 0.53
C THR A 143 12.40 4.81 -0.34
N LYS A 144 11.96 4.15 -1.43
CA LYS A 144 12.89 3.36 -2.25
C LYS A 144 13.32 4.11 -3.52
N ASP A 145 12.36 4.67 -4.26
CA ASP A 145 12.62 5.21 -5.59
C ASP A 145 11.40 5.99 -6.08
N ILE A 146 11.61 6.85 -7.07
CA ILE A 146 10.55 7.67 -7.65
C ILE A 146 10.11 7.03 -8.97
N ASN A 147 8.81 6.73 -9.09
CA ASN A 147 8.22 6.24 -10.33
C ASN A 147 8.04 7.39 -11.33
N LEU A 148 7.20 8.38 -10.98
CA LEU A 148 6.88 9.49 -11.85
C LEU A 148 6.82 10.79 -11.05
N ALA A 149 7.13 11.90 -11.73
CA ALA A 149 6.89 13.24 -11.22
C ALA A 149 6.53 14.12 -12.41
N PHE A 150 5.34 14.75 -12.32
CA PHE A 150 4.83 15.54 -13.41
C PHE A 150 3.90 16.64 -12.86
N VAL A 151 3.70 17.66 -13.70
CA VAL A 151 2.72 18.71 -13.45
C VAL A 151 1.51 18.44 -14.33
N VAL A 152 0.31 18.56 -13.76
CA VAL A 152 -0.92 18.41 -14.50
C VAL A 152 -1.60 19.79 -14.63
N LYS A 153 -2.08 20.09 -15.85
CA LYS A 153 -2.83 21.31 -16.08
C LYS A 153 -4.24 20.94 -16.48
N TYR A 154 -5.20 21.19 -15.58
CA TYR A 154 -6.61 21.01 -15.89
C TYR A 154 -7.15 22.34 -16.43
N ASP A 155 -7.82 22.29 -17.57
CA ASP A 155 -8.56 23.47 -18.04
C ASP A 155 -9.92 23.02 -18.57
N MET A 156 -10.68 23.98 -19.13
CA MET A 156 -12.06 23.72 -19.51
C MET A 156 -12.15 22.83 -20.76
N GLU A 157 -11.05 22.70 -21.52
CA GLU A 157 -11.03 21.79 -22.66
C GLU A 157 -10.52 20.41 -22.23
N ARG A 158 -9.70 20.36 -21.18
CA ARG A 158 -8.95 19.16 -20.78
C ARG A 158 -9.18 18.89 -19.28
N GLN A 159 -10.38 18.43 -18.94
CA GLN A 159 -10.75 18.07 -17.57
C GLN A 159 -10.18 16.69 -17.19
N SER A 160 -9.81 15.86 -18.17
CA SER A 160 -9.64 14.41 -18.03
C SER A 160 -11.00 13.72 -17.83
N GLU A 161 -10.97 12.37 -17.85
CA GLU A 161 -12.14 11.52 -17.64
C GLU A 161 -12.65 11.59 -16.20
N LEU A 162 -11.71 11.78 -15.26
CA LEU A 162 -11.98 11.88 -13.84
C LEU A 162 -12.53 10.55 -13.31
N ALA A 163 -12.07 9.43 -13.90
CA ALA A 163 -12.40 8.12 -13.36
C ALA A 163 -11.56 7.83 -12.12
N PRO A 164 -12.11 7.09 -11.12
CA PRO A 164 -11.33 6.71 -9.94
C PRO A 164 -10.22 5.74 -10.31
N ALA A 165 -9.12 5.76 -9.54
CA ALA A 165 -7.97 4.92 -9.81
C ALA A 165 -7.16 4.68 -8.53
N HIS A 166 -6.44 3.56 -8.52
CA HIS A 166 -5.30 3.31 -7.65
C HIS A 166 -4.06 3.79 -8.40
N ASP A 167 -3.19 4.55 -7.72
CA ASP A 167 -1.99 5.02 -8.39
C ASP A 167 -0.97 3.90 -8.43
N SER A 168 -0.07 3.98 -9.41
CA SER A 168 1.09 3.10 -9.47
C SER A 168 2.21 3.62 -8.55
N SER A 169 2.04 3.43 -7.23
CA SER A 169 3.00 3.96 -6.27
C SER A 169 2.75 3.34 -4.90
N THR A 170 3.74 3.42 -4.00
CA THR A 170 3.47 3.10 -2.62
C THR A 170 2.73 4.29 -2.00
N TYR A 171 3.24 5.51 -2.25
CA TYR A 171 2.58 6.73 -1.79
C TYR A 171 2.62 7.78 -2.89
N THR A 172 1.61 8.66 -2.88
CA THR A 172 1.45 9.74 -3.84
C THR A 172 1.50 11.06 -3.09
N LEU A 173 2.22 12.02 -3.68
CA LEU A 173 2.28 13.41 -3.23
CA LEU A 173 2.28 13.41 -3.23
C LEU A 173 1.58 14.27 -4.28
N ASN A 174 0.71 15.18 -3.81
CA ASN A 174 -0.09 16.04 -4.66
C ASN A 174 0.02 17.46 -4.10
N ILE A 175 0.69 18.37 -4.84
CA ILE A 175 0.89 19.73 -4.38
C ILE A 175 -0.03 20.65 -5.19
N ALA A 176 -0.79 21.51 -4.51
CA ALA A 176 -1.52 22.54 -5.24
C ALA A 176 -0.58 23.67 -5.63
N LEU A 177 -0.52 24.00 -6.93
CA LEU A 177 0.42 25.00 -7.44
C LEU A 177 -0.23 26.38 -7.64
N ASN A 178 -1.56 26.45 -7.73
CA ASN A 178 -2.17 27.75 -7.99
C ASN A 178 -3.45 27.90 -7.15
N GLU A 179 -4.00 29.12 -7.14
CA GLU A 179 -4.89 29.55 -6.08
C GLU A 179 -6.35 29.33 -6.44
N TYR A 180 -7.06 28.61 -5.56
CA TYR A 180 -8.48 28.37 -5.69
C TYR A 180 -9.23 29.69 -5.51
N GLY A 181 -10.29 29.86 -6.31
CA GLY A 181 -11.04 31.10 -6.31
C GLY A 181 -10.44 32.12 -7.28
N LYS A 182 -9.16 32.44 -7.08
CA LYS A 182 -8.53 33.44 -7.93
C LYS A 182 -8.32 32.87 -9.34
N GLU A 183 -7.81 31.65 -9.46
CA GLU A 183 -7.39 31.18 -10.78
C GLU A 183 -8.26 30.04 -11.31
N TYR A 184 -9.07 29.41 -10.44
CA TYR A 184 -10.01 28.40 -10.89
C TYR A 184 -11.16 28.32 -9.89
N THR A 185 -12.27 27.69 -10.28
CA THR A 185 -13.34 27.42 -9.32
C THR A 185 -13.63 25.91 -9.32
N ALA A 186 -14.23 25.45 -8.21
CA ALA A 186 -14.52 24.06 -7.91
C ALA A 186 -13.21 23.26 -7.93
N GLY A 187 -13.19 22.07 -8.56
CA GLY A 187 -11.99 21.24 -8.56
C GLY A 187 -11.81 20.50 -7.23
N GLY A 188 -10.61 19.97 -6.97
CA GLY A 188 -10.34 19.25 -5.73
C GLY A 188 -10.25 17.74 -5.98
N CYS A 189 -10.53 16.93 -4.96
CA CYS A 189 -10.16 15.51 -4.92
C CYS A 189 -11.20 14.72 -4.12
N GLU A 190 -11.65 13.58 -4.64
CA GLU A 190 -12.54 12.73 -3.86
C GLU A 190 -11.84 11.42 -3.50
N PHE A 191 -11.80 11.12 -2.19
CA PHE A 191 -11.34 9.84 -1.69
C PHE A 191 -12.53 8.88 -1.59
N ILE A 192 -12.61 7.92 -2.50
CA ILE A 192 -13.81 7.09 -2.65
C ILE A 192 -14.05 6.20 -1.43
N ARG A 193 -13.00 5.49 -1.00
CA ARG A 193 -13.09 4.58 0.14
C ARG A 193 -13.41 5.37 1.40
N HIS A 194 -12.77 6.53 1.55
CA HIS A 194 -12.93 7.31 2.77
C HIS A 194 -14.25 8.09 2.74
N LYS A 195 -14.93 8.12 1.57
CA LYS A 195 -16.16 8.89 1.39
C LYS A 195 -15.89 10.35 1.75
N PHE A 196 -14.80 10.90 1.24
CA PHE A 196 -14.33 12.20 1.71
C PHE A 196 -13.95 13.05 0.49
N ILE A 197 -14.48 14.27 0.45
CA ILE A 197 -14.14 15.21 -0.60
C ILE A 197 -13.20 16.28 -0.04
N TRP A 198 -12.09 16.52 -0.74
CA TRP A 198 -11.12 17.52 -0.30
C TRP A 198 -11.07 18.67 -1.32
N GLN A 199 -11.43 19.89 -0.90
CA GLN A 199 -11.50 21.02 -1.85
C GLN A 199 -10.77 22.24 -1.30
N GLY A 200 -10.27 23.10 -2.20
CA GLY A 200 -9.70 24.39 -1.88
C GLY A 200 -8.32 24.30 -1.23
N GLN A 201 -7.54 23.30 -1.66
CA GLN A 201 -6.15 23.12 -1.28
C GLN A 201 -5.36 24.42 -1.43
N LYS A 202 -4.53 24.75 -0.44
CA LYS A 202 -3.81 26.01 -0.43
C LYS A 202 -2.53 25.89 -1.27
N VAL A 203 -2.07 27.02 -1.82
CA VAL A 203 -0.92 27.04 -2.70
C VAL A 203 0.30 26.52 -1.94
N GLY A 204 1.01 25.54 -2.51
CA GLY A 204 2.24 25.04 -1.89
C GLY A 204 1.98 23.99 -0.80
N TYR A 205 0.70 23.67 -0.55
CA TYR A 205 0.33 22.64 0.41
C TYR A 205 0.22 21.31 -0.34
N ALA A 206 0.66 20.25 0.34
CA ALA A 206 0.70 18.92 -0.23
C ALA A 206 -0.35 18.02 0.43
N THR A 207 -0.89 17.10 -0.38
CA THR A 207 -1.61 15.95 0.16
C THR A 207 -0.73 14.71 -0.02
N ILE A 208 -0.65 13.86 0.99
CA ILE A 208 0.01 12.57 0.85
C ILE A 208 -0.97 11.45 1.22
N HIS A 209 -0.96 10.35 0.44
CA HIS A 209 -1.82 9.20 0.65
C HIS A 209 -1.20 7.95 0.01
N ALA A 210 -1.64 6.74 0.43
CA ALA A 210 -1.26 5.50 -0.22
C ALA A 210 -1.64 5.54 -1.70
N GLY A 211 -0.75 4.99 -2.54
CA GLY A 211 -1.04 4.83 -3.96
C GLY A 211 -2.02 3.68 -4.21
N LYS A 212 -1.68 2.48 -3.73
CA LYS A 212 -2.43 1.29 -4.10
C LYS A 212 -3.29 0.85 -2.94
N LEU A 213 -4.37 0.14 -3.25
CA LEU A 213 -5.14 -0.64 -2.31
C LEU A 213 -6.09 0.23 -1.50
N LEU A 214 -5.57 1.28 -0.84
CA LEU A 214 -6.28 1.82 0.32
C LEU A 214 -6.67 3.30 0.17
N ALA A 215 -6.45 3.92 -0.99
CA ALA A 215 -6.88 5.30 -1.10
C ALA A 215 -7.42 5.61 -2.50
N TYR A 216 -8.37 4.76 -2.96
CA TYR A 216 -8.99 4.91 -4.26
C TYR A 216 -9.52 6.35 -4.42
N HIS A 217 -9.23 7.00 -5.56
CA HIS A 217 -9.46 8.43 -5.64
C HIS A 217 -9.64 8.91 -7.08
N ARG A 218 -10.25 10.10 -7.22
CA ARG A 218 -10.40 10.81 -8.47
C ARG A 218 -10.32 12.31 -8.21
N ALA A 219 -9.89 13.07 -9.21
CA ALA A 219 -10.03 14.52 -9.22
C ALA A 219 -11.50 14.92 -9.41
N LEU A 220 -11.86 16.13 -8.96
CA LEU A 220 -13.15 16.72 -9.21
C LEU A 220 -13.04 17.76 -10.32
N PRO A 221 -14.09 17.93 -11.16
CA PRO A 221 -14.05 18.90 -12.25
C PRO A 221 -14.00 20.35 -11.77
N ILE A 222 -13.30 21.22 -12.50
CA ILE A 222 -13.35 22.65 -12.27
C ILE A 222 -14.47 23.26 -13.13
N THR A 223 -14.96 24.44 -12.73
CA THR A 223 -16.05 25.11 -13.44
C THR A 223 -15.55 26.37 -14.15
N SER A 224 -14.31 26.80 -13.88
CA SER A 224 -13.70 27.88 -14.63
C SER A 224 -12.19 27.88 -14.42
N GLY A 225 -11.48 28.54 -15.36
CA GLY A 225 -10.07 28.84 -15.25
C GLY A 225 -9.20 27.60 -15.42
N LYS A 226 -8.08 27.56 -14.68
CA LYS A 226 -7.03 26.57 -14.87
C LYS A 226 -6.48 26.18 -13.50
N ARG A 227 -6.22 24.88 -13.32
CA ARG A 227 -5.76 24.35 -12.04
C ARG A 227 -4.52 23.50 -12.28
N TYR A 228 -3.44 23.82 -11.56
CA TYR A 228 -2.16 23.17 -11.79
C TYR A 228 -1.76 22.41 -10.53
N ILE A 229 -1.26 21.19 -10.71
CA ILE A 229 -0.83 20.39 -9.57
C ILE A 229 0.49 19.69 -9.92
N LEU A 230 1.30 19.47 -8.89
CA LEU A 230 2.50 18.67 -9.01
C LEU A 230 2.21 17.33 -8.31
N VAL A 231 2.34 16.25 -9.08
CA VAL A 231 2.03 14.91 -8.59
C VAL A 231 3.28 14.06 -8.70
N SER A 232 3.57 13.29 -7.64
CA SER A 232 4.67 12.37 -7.72
C SER A 232 4.29 11.00 -7.16
N PHE A 233 4.66 9.95 -7.90
CA PHE A 233 4.39 8.57 -7.53
C PHE A 233 5.68 7.97 -7.00
N VAL A 234 5.68 7.62 -5.71
CA VAL A 234 6.91 7.22 -5.04
C VAL A 234 6.75 5.79 -4.51
N ASN A 235 7.81 4.98 -4.67
CA ASN A 235 7.79 3.59 -4.23
C ASN A 235 8.49 3.45 -2.88
N THR B 22 -8.95 -42.79 -7.20
CA THR B 22 -8.15 -42.25 -6.09
C THR B 22 -8.59 -40.82 -5.77
N GLU B 23 -8.57 -40.50 -4.46
CA GLU B 23 -9.01 -39.24 -3.90
C GLU B 23 -8.05 -38.13 -4.34
N VAL B 24 -8.64 -36.95 -4.58
CA VAL B 24 -7.92 -35.77 -5.03
C VAL B 24 -6.87 -35.38 -3.98
N THR B 25 -5.75 -34.81 -4.45
CA THR B 25 -4.68 -34.30 -3.61
C THR B 25 -4.51 -32.79 -3.82
N LEU B 26 -3.67 -32.17 -2.98
CA LEU B 26 -3.30 -30.76 -3.03
C LEU B 26 -2.83 -30.39 -4.45
N TYR B 27 -2.16 -31.34 -5.12
CA TYR B 27 -1.46 -31.09 -6.38
C TYR B 27 -2.44 -30.98 -7.56
N ASP B 28 -3.68 -31.41 -7.37
CA ASP B 28 -4.57 -31.63 -8.50
C ASP B 28 -5.40 -30.38 -8.83
N LEU B 29 -4.80 -29.20 -8.72
CA LEU B 29 -5.48 -27.98 -9.13
C LEU B 29 -4.68 -27.40 -10.29
N PRO B 30 -5.29 -27.02 -11.43
CA PRO B 30 -6.74 -27.13 -11.65
C PRO B 30 -7.28 -28.35 -12.39
N THR B 31 -6.46 -29.40 -12.55
CA THR B 31 -6.88 -30.58 -13.30
C THR B 31 -8.22 -31.11 -12.77
N ARG B 32 -8.33 -31.24 -11.44
CA ARG B 32 -9.53 -31.77 -10.80
C ARG B 32 -10.21 -30.68 -9.97
N LYS B 33 -10.45 -29.54 -10.65
CA LYS B 33 -10.84 -28.29 -10.03
CA LYS B 33 -10.87 -28.28 -10.05
C LYS B 33 -12.01 -28.51 -9.06
N GLU B 34 -13.09 -29.12 -9.55
CA GLU B 34 -14.33 -29.20 -8.79
C GLU B 34 -14.10 -30.01 -7.51
N GLU B 35 -13.39 -31.13 -7.61
CA GLU B 35 -13.15 -31.98 -6.45
C GLU B 35 -12.19 -31.27 -5.48
N TRP B 36 -11.20 -30.56 -6.05
CA TRP B 36 -10.23 -29.80 -5.26
C TRP B 36 -10.98 -28.80 -4.38
N GLU B 37 -11.87 -28.01 -5.01
CA GLU B 37 -12.65 -26.98 -4.35
C GLU B 37 -13.49 -27.57 -3.21
N LYS B 38 -14.17 -28.69 -3.45
CA LYS B 38 -15.02 -29.28 -2.42
C LYS B 38 -14.17 -29.73 -1.24
N LYS B 39 -12.97 -30.25 -1.54
CA LYS B 39 -12.13 -30.81 -0.49
C LYS B 39 -11.37 -29.70 0.27
N TYR B 40 -10.96 -28.64 -0.42
CA TYR B 40 -9.90 -27.79 0.11
C TYR B 40 -10.38 -26.37 0.45
N LEU B 41 -11.38 -25.84 -0.27
CA LEU B 41 -11.88 -24.50 0.01
C LEU B 41 -12.99 -24.58 1.05
N HIS B 42 -12.94 -23.65 2.02
CA HIS B 42 -13.97 -23.56 3.04
C HIS B 42 -15.32 -23.38 2.35
N PRO B 43 -16.36 -24.18 2.72
CA PRO B 43 -17.65 -24.12 2.03
C PRO B 43 -18.31 -22.73 2.01
N GLU B 44 -18.03 -21.90 3.03
CA GLU B 44 -18.60 -20.57 3.08
C GLU B 44 -17.94 -19.67 2.03
N PHE B 45 -16.62 -19.82 1.87
CA PHE B 45 -15.90 -19.06 0.86
C PHE B 45 -16.37 -19.50 -0.52
N LEU B 46 -16.39 -20.83 -0.73
CA LEU B 46 -16.78 -21.43 -2.00
C LEU B 46 -18.17 -20.94 -2.42
N SER B 47 -19.10 -20.87 -1.48
CA SER B 47 -20.48 -20.56 -1.83
C SER B 47 -20.70 -19.06 -2.08
N HIS B 48 -19.65 -18.25 -1.93
CA HIS B 48 -19.82 -16.81 -2.12
C HIS B 48 -18.85 -16.28 -3.18
N LEU B 49 -18.18 -17.18 -3.91
CA LEU B 49 -17.15 -16.87 -4.87
C LEU B 49 -17.65 -15.88 -5.92
N GLN B 50 -18.97 -15.84 -6.12
CA GLN B 50 -19.59 -15.08 -7.19
C GLN B 50 -20.25 -13.82 -6.63
N ASN B 51 -20.41 -13.77 -5.29
CA ASN B 51 -21.05 -12.62 -4.67
C ASN B 51 -20.64 -12.51 -3.19
N PHE B 52 -19.58 -11.73 -2.95
CA PHE B 52 -18.99 -11.59 -1.62
C PHE B 52 -19.80 -10.68 -0.71
N LYS B 53 -20.87 -10.07 -1.23
CA LYS B 53 -21.65 -9.08 -0.50
C LYS B 53 -22.09 -9.62 0.86
N ASP B 54 -22.51 -10.89 0.88
CA ASP B 54 -23.11 -11.49 2.08
C ASP B 54 -22.14 -12.46 2.77
N PHE B 55 -20.88 -12.51 2.31
CA PHE B 55 -19.88 -13.41 2.86
C PHE B 55 -19.56 -12.98 4.29
N ASP B 56 -19.37 -13.94 5.18
CA ASP B 56 -19.16 -13.64 6.59
C ASP B 56 -17.68 -13.39 6.90
N TYR B 57 -17.19 -12.18 6.58
CA TYR B 57 -15.83 -11.80 6.95
C TYR B 57 -15.91 -10.68 8.00
N THR B 58 -14.83 -10.49 8.76
CA THR B 58 -14.78 -9.55 9.88
C THR B 58 -13.66 -8.55 9.62
N GLU B 59 -13.96 -7.26 9.82
CA GLU B 59 -12.92 -6.25 9.82
C GLU B 59 -12.38 -6.17 11.24
N ILE B 60 -11.17 -6.70 11.45
CA ILE B 60 -10.69 -6.89 12.82
C ILE B 60 -10.07 -5.59 13.32
N CYS B 61 -9.51 -4.81 12.38
CA CYS B 61 -9.10 -3.42 12.58
C CYS B 61 -9.13 -2.75 11.20
N ASN B 62 -8.98 -1.41 11.17
CA ASN B 62 -9.12 -0.66 9.93
C ASN B 62 -8.41 -1.36 8.76
N ASP B 63 -9.22 -1.89 7.84
CA ASP B 63 -8.71 -2.30 6.54
C ASP B 63 -7.97 -3.64 6.63
N VAL B 64 -8.21 -4.36 7.74
CA VAL B 64 -7.64 -5.68 7.96
C VAL B 64 -8.79 -6.65 8.18
N TYR B 65 -8.87 -7.70 7.34
CA TYR B 65 -10.03 -8.58 7.36
C TYR B 65 -9.62 -10.00 7.71
N SER B 66 -10.49 -10.66 8.49
CA SER B 66 -10.39 -12.08 8.79
C SER B 66 -11.56 -12.82 8.17
N PHE B 67 -11.31 -13.98 7.54
CA PHE B 67 -12.34 -14.66 6.76
C PHE B 67 -11.98 -16.13 6.57
N PRO B 68 -12.99 -17.03 6.52
CA PRO B 68 -12.74 -18.45 6.24
C PRO B 68 -12.29 -18.65 4.80
N LEU B 69 -11.24 -19.44 4.58
CA LEU B 69 -10.75 -19.63 3.22
C LEU B 69 -10.57 -21.12 2.88
N PHE B 70 -9.93 -21.89 3.78
CA PHE B 70 -9.57 -23.27 3.51
C PHE B 70 -10.22 -24.19 4.54
N THR B 71 -10.32 -25.49 4.22
CA THR B 71 -10.85 -26.51 5.12
C THR B 71 -9.75 -27.05 6.03
N PRO B 72 -10.11 -27.77 7.12
CA PRO B 72 -9.11 -28.44 7.96
C PRO B 72 -8.23 -29.43 7.20
N ALA B 73 -8.81 -30.06 6.18
CA ALA B 73 -8.07 -31.04 5.39
C ALA B 73 -6.93 -30.39 4.58
N PHE B 74 -7.17 -29.19 4.03
CA PHE B 74 -6.13 -28.43 3.34
C PHE B 74 -4.98 -28.19 4.33
N CYS B 75 -5.32 -27.66 5.51
CA CYS B 75 -4.32 -27.25 6.50
C CYS B 75 -3.47 -28.44 6.95
N LYS B 76 -4.12 -29.59 7.18
CA LYS B 76 -3.49 -30.80 7.69
C LYS B 76 -2.48 -31.32 6.66
N GLU B 77 -2.90 -31.31 5.39
CA GLU B 77 -2.10 -31.87 4.31
C GLU B 77 -0.91 -30.98 3.97
N VAL B 78 -1.13 -29.65 4.06
CA VAL B 78 -0.04 -28.71 3.82
C VAL B 78 1.07 -28.95 4.85
N ILE B 79 0.69 -29.07 6.13
CA ILE B 79 1.64 -29.30 7.21
C ILE B 79 2.38 -30.64 7.02
N GLU B 80 1.67 -31.68 6.59
CA GLU B 80 2.25 -32.99 6.34
C GLU B 80 3.36 -32.90 5.28
N VAL B 81 3.04 -32.23 4.16
CA VAL B 81 3.98 -32.08 3.06
C VAL B 81 5.24 -31.37 3.53
N MET B 82 5.10 -30.29 4.32
CA MET B 82 6.25 -29.52 4.81
C MET B 82 7.02 -30.31 5.88
N ASP B 83 6.31 -31.00 6.77
CA ASP B 83 6.97 -31.81 7.79
C ASP B 83 7.82 -32.91 7.13
N LYS B 84 7.26 -33.55 6.10
CA LYS B 84 7.91 -34.66 5.43
C LYS B 84 9.08 -34.16 4.58
N ALA B 85 8.96 -32.98 3.95
CA ALA B 85 10.04 -32.51 3.08
C ALA B 85 11.25 -32.11 3.93
N ASN B 86 10.99 -31.60 5.15
CA ASN B 86 12.04 -31.14 6.05
C ASN B 86 13.03 -30.26 5.28
N LEU B 87 12.51 -29.22 4.61
CA LEU B 87 13.36 -28.31 3.85
C LEU B 87 13.48 -26.96 4.56
N TRP B 88 13.10 -26.90 5.85
CA TRP B 88 13.07 -25.69 6.66
C TRP B 88 14.38 -24.91 6.58
N SER B 89 14.28 -23.58 6.45
CA SER B 89 15.43 -22.72 6.66
C SER B 89 16.03 -22.95 8.05
N LYS B 90 17.31 -22.61 8.23
CA LYS B 90 18.07 -22.97 9.43
C LYS B 90 17.56 -22.30 10.71
N GLY B 91 18.07 -22.82 11.84
CA GLY B 91 17.75 -22.38 13.19
C GLY B 91 18.95 -22.56 14.11
N THR B 108 13.96 -17.06 11.14
CA THR B 108 12.69 -17.77 11.35
C THR B 108 12.59 -18.91 10.34
N GLN B 109 11.86 -19.97 10.71
CA GLN B 109 11.90 -21.24 10.01
C GLN B 109 10.77 -21.34 8.99
N ASP B 110 11.10 -21.43 7.69
CA ASP B 110 10.07 -21.56 6.67
C ASP B 110 10.55 -22.42 5.50
N THR B 111 9.59 -22.78 4.64
CA THR B 111 9.81 -23.47 3.38
C THR B 111 8.92 -22.80 2.35
N GLN B 112 9.48 -22.54 1.16
CA GLN B 112 8.72 -21.95 0.06
C GLN B 112 7.84 -23.03 -0.56
N LEU B 113 6.64 -22.65 -1.03
CA LEU B 113 5.74 -23.58 -1.70
C LEU B 113 6.39 -24.14 -2.97
N TYR B 114 7.26 -23.35 -3.62
CA TYR B 114 7.93 -23.79 -4.83
C TYR B 114 8.92 -24.93 -4.52
N GLU B 115 9.40 -25.03 -3.28
CA GLU B 115 10.36 -26.06 -2.88
C GLU B 115 9.70 -27.45 -2.78
N VAL B 116 8.37 -27.50 -2.69
CA VAL B 116 7.62 -28.74 -2.61
C VAL B 116 6.62 -28.82 -3.76
N GLY B 117 6.81 -27.98 -4.79
CA GLY B 117 6.13 -28.07 -6.07
C GLY B 117 4.66 -27.63 -6.04
N LEU B 118 4.35 -26.64 -5.19
CA LEU B 118 2.97 -26.21 -4.99
C LEU B 118 2.76 -24.79 -5.49
N ASP B 119 3.73 -24.23 -6.22
CA ASP B 119 3.67 -22.84 -6.66
C ASP B 119 2.63 -22.61 -7.75
N LYS B 120 2.46 -23.57 -8.68
CA LYS B 120 1.44 -23.41 -9.71
C LYS B 120 0.03 -23.54 -9.12
N GLN B 121 -0.13 -24.42 -8.13
CA GLN B 121 -1.41 -24.56 -7.47
C GLN B 121 -1.73 -23.26 -6.75
N TRP B 122 -0.73 -22.67 -6.06
CA TRP B 122 -0.95 -21.44 -5.30
C TRP B 122 -1.27 -20.27 -6.23
N HIS B 123 -0.56 -20.17 -7.35
CA HIS B 123 -0.87 -19.17 -8.36
C HIS B 123 -2.35 -19.27 -8.74
N TYR B 124 -2.83 -20.50 -8.98
CA TYR B 124 -4.24 -20.72 -9.33
C TYR B 124 -5.16 -20.20 -8.21
N VAL B 125 -4.85 -20.53 -6.96
CA VAL B 125 -5.65 -20.10 -5.83
C VAL B 125 -5.73 -18.57 -5.80
N VAL B 126 -4.58 -17.91 -5.96
CA VAL B 126 -4.51 -16.46 -5.80
C VAL B 126 -5.30 -15.75 -6.91
N PHE B 127 -5.11 -16.16 -8.17
CA PHE B 127 -5.69 -15.44 -9.29
C PHE B 127 -7.18 -15.77 -9.44
N ASN B 128 -7.58 -16.99 -9.03
CA ASN B 128 -8.94 -17.43 -9.30
C ASN B 128 -9.83 -17.20 -8.08
N TYR B 129 -9.29 -17.37 -6.87
CA TYR B 129 -10.11 -17.33 -5.67
C TYR B 129 -9.87 -16.04 -4.87
N VAL B 130 -8.61 -15.70 -4.64
CA VAL B 130 -8.30 -14.56 -3.77
C VAL B 130 -8.56 -13.23 -4.47
N ALA B 131 -8.09 -13.09 -5.72
CA ALA B 131 -8.13 -11.83 -6.44
C ALA B 131 -9.55 -11.25 -6.53
N PRO B 132 -10.62 -12.04 -6.81
CA PRO B 132 -11.97 -11.48 -6.81
C PRO B 132 -12.38 -10.94 -5.45
N PHE B 133 -11.93 -11.61 -4.37
CA PHE B 133 -12.26 -11.16 -3.03
C PHE B 133 -11.55 -9.82 -2.74
N VAL B 134 -10.30 -9.70 -3.20
CA VAL B 134 -9.54 -8.46 -3.12
C VAL B 134 -10.24 -7.34 -3.89
N ARG B 135 -10.77 -7.66 -5.09
CA ARG B 135 -11.52 -6.67 -5.86
C ARG B 135 -12.69 -6.13 -5.03
N HIS B 136 -13.36 -7.03 -4.31
CA HIS B 136 -14.50 -6.67 -3.47
C HIS B 136 -14.07 -5.82 -2.26
N LEU B 137 -13.00 -6.22 -1.57
CA LEU B 137 -12.58 -5.59 -0.32
C LEU B 137 -11.97 -4.22 -0.57
N TYR B 138 -11.22 -4.08 -1.69
CA TYR B 138 -10.32 -2.96 -1.82
C TYR B 138 -10.55 -2.22 -3.15
N ASN B 139 -11.81 -1.83 -3.41
CA ASN B 139 -12.13 -0.85 -4.44
C ASN B 139 -11.58 -1.30 -5.79
N ASN B 140 -11.80 -2.57 -6.13
CA ASN B 140 -11.49 -3.09 -7.45
C ASN B 140 -9.98 -3.21 -7.72
N TYR B 141 -9.12 -3.17 -6.69
CA TYR B 141 -7.68 -3.37 -6.90
C TYR B 141 -7.41 -4.68 -7.65
N LYS B 142 -6.61 -4.62 -8.72
CA LYS B 142 -6.29 -5.79 -9.55
C LYS B 142 -4.94 -6.34 -9.13
N THR B 143 -4.93 -7.65 -8.81
CA THR B 143 -3.74 -8.39 -8.42
C THR B 143 -2.81 -8.52 -9.63
N LYS B 144 -1.51 -8.23 -9.44
CA LYS B 144 -0.57 -8.24 -10.56
C LYS B 144 0.24 -9.54 -10.62
N ASP B 145 0.82 -9.95 -9.47
CA ASP B 145 1.81 -11.02 -9.46
C ASP B 145 2.08 -11.43 -8.01
N ILE B 146 2.60 -12.64 -7.86
CA ILE B 146 2.93 -13.19 -6.55
C ILE B 146 4.42 -13.01 -6.31
N ASN B 147 4.78 -12.36 -5.20
CA ASN B 147 6.17 -12.22 -4.80
C ASN B 147 6.65 -13.53 -4.17
N LEU B 148 6.06 -13.90 -3.02
CA LEU B 148 6.49 -15.08 -2.27
C LEU B 148 5.27 -15.83 -1.70
N ALA B 149 5.45 -17.13 -1.46
CA ALA B 149 4.50 -17.96 -0.76
C ALA B 149 5.26 -19.04 -0.01
N PHE B 150 5.05 -19.09 1.31
CA PHE B 150 5.80 -20.01 2.16
C PHE B 150 4.98 -20.36 3.40
N VAL B 151 5.37 -21.46 4.04
CA VAL B 151 4.84 -21.87 5.32
C VAL B 151 5.89 -21.54 6.36
N VAL B 152 5.44 -20.94 7.49
CA VAL B 152 6.31 -20.66 8.62
C VAL B 152 5.98 -21.63 9.76
N LYS B 153 7.01 -22.17 10.39
CA LYS B 153 6.85 -23.03 11.54
C LYS B 153 7.54 -22.37 12.73
N TYR B 154 6.74 -21.85 13.67
CA TYR B 154 7.26 -21.31 14.92
C TYR B 154 7.30 -22.45 15.93
N ASP B 155 8.45 -22.68 16.57
CA ASP B 155 8.55 -23.67 17.63
C ASP B 155 9.39 -23.07 18.74
N MET B 156 9.70 -23.89 19.76
CA MET B 156 10.35 -23.38 20.96
C MET B 156 11.87 -23.29 20.79
N GLU B 157 12.40 -23.56 19.59
CA GLU B 157 13.83 -23.47 19.33
C GLU B 157 14.24 -22.06 18.90
N ARG B 158 13.33 -21.30 18.28
CA ARG B 158 13.53 -19.88 17.97
C ARG B 158 14.22 -19.18 19.15
N GLN B 159 15.34 -18.49 18.86
CA GLN B 159 16.20 -17.94 19.90
C GLN B 159 16.17 -16.40 19.89
N SER B 160 15.82 -15.79 18.76
CA SER B 160 15.87 -14.34 18.62
C SER B 160 14.53 -13.76 18.15
N GLU B 161 14.46 -12.42 18.15
CA GLU B 161 13.21 -11.65 18.23
C GLU B 161 12.56 -11.49 16.85
N LEU B 162 11.23 -11.35 16.86
CA LEU B 162 10.46 -11.08 15.66
C LEU B 162 10.27 -9.58 15.56
N ALA B 163 11.09 -8.92 14.72
CA ALA B 163 11.13 -7.47 14.63
C ALA B 163 9.94 -6.96 13.79
N PRO B 164 9.45 -5.72 14.05
CA PRO B 164 8.42 -5.11 13.21
C PRO B 164 8.91 -4.87 11.78
N ALA B 165 7.98 -4.86 10.84
CA ALA B 165 8.31 -4.74 9.42
C ALA B 165 7.09 -4.27 8.61
N HIS B 166 7.39 -3.61 7.48
CA HIS B 166 6.49 -3.49 6.35
C HIS B 166 6.81 -4.66 5.41
N ASP B 167 5.78 -5.32 4.89
CA ASP B 167 6.06 -6.45 4.00
C ASP B 167 6.41 -5.92 2.60
N SER B 168 7.15 -6.75 1.87
CA SER B 168 7.40 -6.51 0.45
C SER B 168 6.20 -7.01 -0.38
N SER B 169 5.11 -6.25 -0.34
CA SER B 169 3.89 -6.67 -1.01
C SER B 169 2.92 -5.51 -1.11
N THR B 170 1.96 -5.63 -2.04
CA THR B 170 0.83 -4.72 -1.98
C THR B 170 -0.10 -5.22 -0.89
N TYR B 171 -0.38 -6.54 -0.88
CA TYR B 171 -1.20 -7.14 0.18
C TYR B 171 -0.57 -8.46 0.64
N THR B 172 -0.80 -8.82 1.91
CA THR B 172 -0.28 -10.01 2.55
C THR B 172 -1.47 -10.85 3.00
N LEU B 173 -1.35 -12.16 2.74
CA LEU B 173 -2.31 -13.17 3.15
CA LEU B 173 -2.31 -13.17 3.15
C LEU B 173 -1.62 -14.05 4.20
N ASN B 174 -2.31 -14.29 5.32
CA ASN B 174 -1.81 -15.07 6.43
C ASN B 174 -2.89 -16.07 6.81
N ILE B 175 -2.65 -17.37 6.57
CA ILE B 175 -3.62 -18.42 6.90
C ILE B 175 -3.15 -19.17 8.14
N ALA B 176 -4.01 -19.33 9.16
CA ALA B 176 -3.67 -20.19 10.28
C ALA B 176 -3.87 -21.66 9.88
N LEU B 177 -2.83 -22.47 10.00
CA LEU B 177 -2.85 -23.86 9.59
C LEU B 177 -3.13 -24.81 10.78
N ASN B 178 -2.94 -24.35 12.02
CA ASN B 178 -3.14 -25.25 13.15
C ASN B 178 -3.79 -24.48 14.31
N GLU B 179 -4.17 -25.21 15.36
CA GLU B 179 -5.19 -24.72 16.27
C GLU B 179 -4.57 -24.10 17.51
N TYR B 180 -4.96 -22.84 17.79
CA TYR B 180 -4.56 -22.14 18.99
C TYR B 180 -5.11 -22.86 20.22
N GLY B 181 -4.31 -22.95 21.29
CA GLY B 181 -4.74 -23.62 22.52
C GLY B 181 -4.43 -25.12 22.45
N LYS B 182 -4.92 -25.80 21.42
CA LYS B 182 -4.68 -27.24 21.32
C LYS B 182 -3.23 -27.49 20.95
N GLU B 183 -2.67 -26.73 19.99
CA GLU B 183 -1.36 -27.09 19.46
C GLU B 183 -0.27 -26.08 19.85
N TYR B 184 -0.66 -24.87 20.30
CA TYR B 184 0.32 -23.90 20.74
C TYR B 184 -0.33 -22.93 21.72
N THR B 185 0.48 -22.15 22.44
CA THR B 185 -0.05 -21.07 23.26
C THR B 185 0.60 -19.76 22.83
N ALA B 186 -0.09 -18.66 23.15
CA ALA B 186 0.32 -17.29 22.83
C ALA B 186 0.42 -17.15 21.32
N GLY B 187 1.47 -16.51 20.80
CA GLY B 187 1.57 -16.29 19.36
C GLY B 187 0.61 -15.18 18.90
N GLY B 188 0.37 -15.12 17.59
CA GLY B 188 -0.45 -14.04 17.05
C GLY B 188 0.43 -12.93 16.43
N CYS B 189 -0.22 -11.78 16.25
CA CYS B 189 0.25 -10.73 15.36
C CYS B 189 -0.14 -9.38 15.96
N GLU B 190 0.84 -8.46 16.07
CA GLU B 190 0.53 -7.13 16.55
C GLU B 190 0.55 -6.15 15.37
N PHE B 191 -0.59 -5.49 15.15
CA PHE B 191 -0.68 -4.40 14.19
C PHE B 191 -0.33 -3.10 14.91
N ILE B 192 0.90 -2.60 14.70
CA ILE B 192 1.46 -1.56 15.56
C ILE B 192 0.73 -0.23 15.36
N ARG B 193 0.50 0.17 14.11
CA ARG B 193 -0.22 1.40 13.79
C ARG B 193 -1.65 1.35 14.35
N HIS B 194 -2.31 0.19 14.24
CA HIS B 194 -3.69 0.08 14.68
C HIS B 194 -3.76 -0.07 16.20
N LYS B 195 -2.61 -0.37 16.83
CA LYS B 195 -2.55 -0.74 18.24
C LYS B 195 -3.50 -1.91 18.49
N PHE B 196 -3.41 -2.93 17.64
CA PHE B 196 -4.34 -4.03 17.76
C PHE B 196 -3.57 -5.35 17.75
N ILE B 197 -3.88 -6.21 18.71
CA ILE B 197 -3.25 -7.53 18.78
C ILE B 197 -4.25 -8.56 18.30
N TRP B 198 -3.85 -9.38 17.31
CA TRP B 198 -4.72 -10.39 16.76
C TRP B 198 -4.17 -11.77 17.12
N GLN B 199 -4.96 -12.57 17.87
CA GLN B 199 -4.49 -13.86 18.33
C GLN B 199 -5.65 -14.86 18.21
N GLY B 200 -5.31 -16.14 18.07
CA GLY B 200 -6.29 -17.21 18.14
C GLY B 200 -7.13 -17.35 16.88
N GLN B 201 -6.56 -16.99 15.72
CA GLN B 201 -7.13 -17.27 14.42
C GLN B 201 -7.55 -18.75 14.32
N LYS B 202 -8.71 -18.98 13.70
CA LYS B 202 -9.24 -20.34 13.51
C LYS B 202 -8.55 -21.03 12.34
N VAL B 203 -8.50 -22.36 12.40
CA VAL B 203 -7.82 -23.16 11.39
C VAL B 203 -8.46 -22.90 10.03
N GLY B 204 -7.64 -22.55 9.03
CA GLY B 204 -8.12 -22.34 7.67
C GLY B 204 -8.68 -20.95 7.43
N TYR B 205 -8.70 -20.11 8.48
CA TYR B 205 -9.08 -18.72 8.35
C TYR B 205 -7.86 -17.88 7.97
N ALA B 206 -8.11 -16.85 7.15
CA ALA B 206 -7.07 -16.01 6.61
C ALA B 206 -7.19 -14.59 7.18
N THR B 207 -6.04 -13.92 7.31
CA THR B 207 -6.00 -12.49 7.52
C THR B 207 -5.44 -11.85 6.26
N ILE B 208 -6.04 -10.74 5.82
CA ILE B 208 -5.47 -9.97 4.72
C ILE B 208 -5.26 -8.52 5.17
N HIS B 209 -4.12 -7.93 4.78
CA HIS B 209 -3.78 -6.55 5.12
C HIS B 209 -2.80 -5.99 4.08
N ALA B 210 -2.72 -4.64 4.00
CA ALA B 210 -1.71 -3.98 3.17
C ALA B 210 -0.32 -4.43 3.60
N GLY B 211 0.56 -4.61 2.60
CA GLY B 211 1.95 -4.92 2.90
C GLY B 211 2.73 -3.68 3.37
N LYS B 212 2.70 -2.61 2.58
CA LYS B 212 3.56 -1.45 2.80
C LYS B 212 2.73 -0.31 3.38
N LEU B 213 3.43 0.57 4.10
CA LEU B 213 2.95 1.89 4.49
C LEU B 213 1.99 1.82 5.67
N LEU B 214 0.93 0.99 5.58
CA LEU B 214 -0.25 1.25 6.41
C LEU B 214 -0.57 0.12 7.39
N ALA B 215 0.24 -0.94 7.43
CA ALA B 215 -0.05 -2.01 8.37
C ALA B 215 1.20 -2.56 9.04
N TYR B 216 2.07 -1.67 9.55
CA TYR B 216 3.28 -2.02 10.28
C TYR B 216 2.97 -3.09 11.33
N HIS B 217 3.76 -4.17 11.37
CA HIS B 217 3.37 -5.33 12.17
C HIS B 217 4.57 -6.16 12.60
N ARG B 218 4.36 -6.95 13.67
CA ARG B 218 5.28 -7.99 14.07
C ARG B 218 4.49 -9.22 14.55
N ALA B 219 5.08 -10.39 14.30
CA ALA B 219 4.61 -11.63 14.91
C ALA B 219 5.00 -11.62 16.40
N LEU B 220 4.17 -12.25 17.22
CA LEU B 220 4.43 -12.38 18.65
C LEU B 220 4.81 -13.83 18.89
N PRO B 221 5.79 -14.08 19.79
CA PRO B 221 6.27 -15.44 20.05
C PRO B 221 5.20 -16.32 20.68
N ILE B 222 5.31 -17.62 20.40
CA ILE B 222 4.54 -18.65 21.11
C ILE B 222 5.30 -19.05 22.37
N THR B 223 4.55 -19.59 23.36
CA THR B 223 5.14 -19.96 24.63
C THR B 223 5.16 -21.47 24.83
N SER B 224 4.50 -22.24 23.94
CA SER B 224 4.61 -23.69 23.93
C SER B 224 4.07 -24.24 22.61
N GLY B 225 4.45 -25.49 22.29
CA GLY B 225 4.00 -26.22 21.11
C GLY B 225 4.57 -25.63 19.83
N LYS B 226 3.75 -25.66 18.76
CA LYS B 226 4.17 -25.25 17.43
C LYS B 226 3.00 -24.57 16.72
N ARG B 227 3.31 -23.51 15.97
CA ARG B 227 2.32 -22.77 15.21
C ARG B 227 2.77 -22.72 13.74
N TYR B 228 1.85 -23.11 12.85
CA TYR B 228 2.14 -23.13 11.43
C TYR B 228 1.23 -22.12 10.73
N ILE B 229 1.81 -21.36 9.81
CA ILE B 229 1.03 -20.41 9.04
C ILE B 229 1.49 -20.44 7.58
N LEU B 230 0.54 -20.16 6.68
CA LEU B 230 0.84 -19.98 5.28
C LEU B 230 0.77 -18.48 5.00
N VAL B 231 1.88 -17.91 4.53
CA VAL B 231 1.99 -16.49 4.25
C VAL B 231 2.27 -16.28 2.76
N SER B 232 1.58 -15.31 2.16
CA SER B 232 1.87 -14.98 0.78
C SER B 232 1.95 -13.48 0.57
N PHE B 233 2.98 -13.04 -0.16
CA PHE B 233 3.18 -11.62 -0.46
C PHE B 233 2.77 -11.40 -1.91
N VAL B 234 1.71 -10.60 -2.11
CA VAL B 234 1.16 -10.42 -3.44
C VAL B 234 1.26 -8.96 -3.84
N ASN B 235 1.64 -8.71 -5.10
CA ASN B 235 1.76 -7.36 -5.65
C ASN B 235 0.50 -6.95 -6.42
#